data_1S1G
#
_entry.id   1S1G
#
_cell.length_a   84.230
_cell.length_b   84.230
_cell.length_c   104.990
_cell.angle_alpha   90.00
_cell.angle_beta   90.00
_cell.angle_gamma   90.00
#
_symmetry.space_group_name_H-M   'P 41 21 2'
#
loop_
_entity.id
_entity.type
_entity.pdbx_description
1 polymer 'Potassium voltage-gated channel subfamily D member 3'
2 non-polymer 'ZINC ION'
3 water water
#
_entity_poly.entity_id   1
_entity_poly.type   'polypeptide(L)'
_entity_poly.pdbx_seq_one_letter_code
;MLAPADKNKRQDELIVLNVSGRRFQTWRTTLERYPDTLLGSTEKEFFFNEDTKEYFFDRDPEVFRCVLNFYRTGKLHYPR
YECISAYDDELAFYGILPEIIGDCCYEEYKDRKRENLEHHHHHH
;
_entity_poly.pdbx_strand_id   A,B
#
# COMPACT_ATOMS: atom_id res chain seq x y z
N ASP A 12 -20.05 -4.10 -8.21
CA ASP A 12 -18.63 -3.66 -8.04
C ASP A 12 -17.69 -4.65 -8.72
N GLU A 13 -16.53 -4.18 -9.15
CA GLU A 13 -15.55 -5.03 -9.81
C GLU A 13 -14.12 -4.49 -9.85
N LEU A 14 -13.18 -5.38 -10.08
CA LEU A 14 -11.75 -5.04 -10.14
C LEU A 14 -11.35 -4.35 -11.43
N ILE A 15 -10.61 -3.26 -11.30
CA ILE A 15 -10.11 -2.56 -12.47
C ILE A 15 -8.60 -2.63 -12.43
N VAL A 16 -8.00 -2.74 -13.60
CA VAL A 16 -6.55 -2.81 -13.72
C VAL A 16 -5.98 -1.46 -14.14
N LEU A 17 -5.06 -0.95 -13.34
CA LEU A 17 -4.41 0.32 -13.62
C LEU A 17 -2.96 0.03 -13.99
N ASN A 18 -2.70 -0.08 -15.29
CA ASN A 18 -1.35 -0.35 -15.75
C ASN A 18 -0.55 0.96 -15.71
N VAL A 19 0.45 1.02 -14.83
CA VAL A 19 1.28 2.22 -14.70
C VAL A 19 2.71 1.87 -15.11
N SER A 20 3.05 2.22 -16.35
CA SER A 20 4.37 1.94 -16.91
C SER A 20 4.67 0.45 -16.94
N GLY A 21 3.64 -0.36 -17.11
CA GLY A 21 3.84 -1.79 -17.17
C GLY A 21 3.59 -2.49 -15.86
N ARG A 22 3.58 -1.74 -14.76
CA ARG A 22 3.33 -2.31 -13.44
C ARG A 22 1.83 -2.23 -13.23
N ARG A 23 1.19 -3.40 -13.17
CA ARG A 23 -0.26 -3.43 -13.04
C ARG A 23 -0.83 -3.46 -11.64
N PHE A 24 -1.60 -2.44 -11.33
CA PHE A 24 -2.24 -2.32 -10.04
C PHE A 24 -3.70 -2.71 -10.18
N GLN A 25 -4.27 -3.26 -9.13
CA GLN A 25 -5.67 -3.63 -9.16
C GLN A 25 -6.37 -3.07 -7.94
N THR A 26 -7.62 -2.69 -8.12
CA THR A 26 -8.37 -2.18 -7.01
C THR A 26 -9.84 -2.32 -7.37
N TRP A 27 -10.70 -1.95 -6.43
CA TRP A 27 -12.14 -2.02 -6.66
C TRP A 27 -12.60 -0.71 -7.25
N ARG A 28 -13.45 -0.81 -8.27
CA ARG A 28 -13.99 0.38 -8.92
C ARG A 28 -14.45 1.37 -7.87
N THR A 29 -15.05 0.88 -6.79
CA THR A 29 -15.55 1.77 -5.75
C THR A 29 -14.45 2.42 -4.92
N THR A 30 -13.25 1.85 -4.94
CA THR A 30 -12.14 2.40 -4.17
C THR A 30 -11.77 3.76 -4.73
N LEU A 31 -11.70 3.84 -6.05
CA LEU A 31 -11.35 5.08 -6.72
C LEU A 31 -12.47 6.10 -6.57
N GLU A 32 -13.71 5.62 -6.64
CA GLU A 32 -14.88 6.49 -6.56
C GLU A 32 -15.02 7.23 -5.23
N ARG A 33 -14.19 6.90 -4.25
CA ARG A 33 -14.26 7.56 -2.95
C ARG A 33 -13.79 9.00 -3.02
N TYR A 34 -13.24 9.38 -4.18
CA TYR A 34 -12.75 10.74 -4.37
C TYR A 34 -12.99 11.27 -5.76
N PRO A 35 -14.19 11.81 -6.02
CA PRO A 35 -14.47 12.36 -7.35
C PRO A 35 -13.58 13.58 -7.49
N ASP A 36 -13.77 14.36 -8.56
CA ASP A 36 -12.98 15.56 -8.80
C ASP A 36 -11.49 15.31 -9.10
N THR A 37 -10.93 14.22 -8.55
CA THR A 37 -9.53 13.87 -8.81
C THR A 37 -9.54 13.01 -10.06
N LEU A 38 -8.45 13.04 -10.82
CA LEU A 38 -8.36 12.28 -12.05
C LEU A 38 -8.91 10.84 -11.97
N LEU A 39 -8.41 10.07 -11.01
CA LEU A 39 -8.80 8.67 -10.83
C LEU A 39 -10.23 8.42 -10.33
N GLY A 40 -10.71 9.30 -9.45
CA GLY A 40 -12.05 9.14 -8.92
C GLY A 40 -13.08 9.79 -9.84
N SER A 41 -12.61 10.19 -11.02
CA SER A 41 -13.44 10.83 -12.02
C SER A 41 -13.54 9.98 -13.25
N THR A 42 -14.20 10.53 -14.26
CA THR A 42 -14.35 9.85 -15.52
C THR A 42 -13.17 10.25 -16.37
N GLU A 43 -12.34 11.13 -15.84
CA GLU A 43 -11.16 11.59 -16.57
C GLU A 43 -10.21 10.43 -16.83
N LYS A 44 -10.12 9.49 -15.90
CA LYS A 44 -9.24 8.34 -16.08
C LYS A 44 -9.66 7.59 -17.35
N GLU A 45 -10.94 7.68 -17.68
CA GLU A 45 -11.50 7.02 -18.85
C GLU A 45 -10.77 7.31 -20.17
N PHE A 46 -10.00 8.40 -20.20
CA PHE A 46 -9.27 8.77 -21.42
C PHE A 46 -7.94 8.04 -21.51
N PHE A 47 -7.59 7.33 -20.44
CA PHE A 47 -6.35 6.57 -20.35
C PHE A 47 -6.73 5.11 -20.49
N PHE A 48 -8.04 4.85 -20.43
CA PHE A 48 -8.54 3.50 -20.55
C PHE A 48 -8.38 2.98 -21.97
N ASN A 49 -7.75 1.82 -22.08
CA ASN A 49 -7.56 1.19 -23.37
C ASN A 49 -8.74 0.23 -23.53
N GLU A 50 -9.29 0.13 -24.74
CA GLU A 50 -10.43 -0.74 -24.97
C GLU A 50 -10.08 -2.18 -25.33
N ASP A 51 -8.93 -2.38 -25.98
CA ASP A 51 -8.53 -3.74 -26.36
C ASP A 51 -7.90 -4.54 -25.21
N THR A 52 -6.98 -3.95 -24.46
CA THR A 52 -6.37 -4.65 -23.34
C THR A 52 -7.30 -4.56 -22.13
N LYS A 53 -8.31 -3.72 -22.25
CA LYS A 53 -9.31 -3.50 -21.19
C LYS A 53 -8.73 -3.07 -19.84
N GLU A 54 -7.66 -2.27 -19.88
CA GLU A 54 -7.02 -1.78 -18.67
C GLU A 54 -6.61 -0.33 -18.87
N TYR A 55 -6.57 0.44 -17.80
CA TYR A 55 -6.14 1.84 -17.89
C TYR A 55 -4.63 1.89 -18.00
N PHE A 56 -4.09 2.75 -18.85
CA PHE A 56 -2.64 2.85 -18.96
C PHE A 56 -2.14 4.25 -18.60
N PHE A 57 -1.10 4.30 -17.77
CA PHE A 57 -0.49 5.56 -17.33
C PHE A 57 1.02 5.50 -17.52
N ASP A 58 1.56 6.41 -18.33
CA ASP A 58 3.00 6.49 -18.57
C ASP A 58 3.63 7.35 -17.46
N ARG A 59 3.43 6.93 -16.22
CA ARG A 59 3.93 7.64 -15.05
C ARG A 59 4.75 6.74 -14.16
N ASP A 60 5.30 7.32 -13.09
CA ASP A 60 6.10 6.60 -12.11
C ASP A 60 5.18 5.65 -11.31
N PRO A 61 5.48 4.36 -11.31
CA PRO A 61 4.63 3.43 -10.57
C PRO A 61 4.76 3.45 -9.05
N GLU A 62 5.86 4.00 -8.54
CA GLU A 62 6.05 4.06 -7.09
C GLU A 62 5.21 5.13 -6.39
N VAL A 63 5.12 6.32 -6.97
CA VAL A 63 4.32 7.38 -6.37
C VAL A 63 2.85 7.06 -6.62
N PHE A 64 2.57 6.40 -7.73
CA PHE A 64 1.20 6.02 -8.01
C PHE A 64 0.74 5.10 -6.85
N ARG A 65 1.66 4.29 -6.36
CA ARG A 65 1.36 3.40 -5.24
C ARG A 65 0.86 4.24 -4.07
N CYS A 66 1.56 5.33 -3.76
CA CYS A 66 1.13 6.19 -2.67
C CYS A 66 -0.22 6.85 -2.96
N VAL A 67 -0.42 7.26 -4.20
CA VAL A 67 -1.68 7.89 -4.58
C VAL A 67 -2.81 6.89 -4.43
N LEU A 68 -2.61 5.69 -4.94
CA LEU A 68 -3.61 4.64 -4.86
C LEU A 68 -3.93 4.31 -3.41
N ASN A 69 -2.92 4.34 -2.55
CA ASN A 69 -3.15 4.03 -1.15
C ASN A 69 -3.97 5.10 -0.45
N PHE A 70 -3.88 6.34 -0.93
CA PHE A 70 -4.65 7.44 -0.37
C PHE A 70 -6.13 7.13 -0.52
N TYR A 71 -6.48 6.51 -1.64
CA TYR A 71 -7.86 6.14 -1.91
C TYR A 71 -8.35 5.02 -1.01
N ARG A 72 -7.44 4.15 -0.60
CA ARG A 72 -7.78 3.02 0.26
C ARG A 72 -7.87 3.37 1.74
N THR A 73 -7.00 4.26 2.20
CA THR A 73 -6.98 4.61 3.61
C THR A 73 -7.38 6.05 3.96
N GLY A 74 -7.48 6.91 2.96
CA GLY A 74 -7.82 8.29 3.23
C GLY A 74 -6.60 9.04 3.72
N LYS A 75 -5.49 8.33 3.89
CA LYS A 75 -4.25 8.96 4.32
C LYS A 75 -3.25 9.05 3.17
N LEU A 76 -2.76 10.26 2.90
CA LEU A 76 -1.79 10.45 1.84
C LEU A 76 -0.43 10.48 2.51
N HIS A 77 0.43 9.53 2.16
CA HIS A 77 1.75 9.45 2.75
C HIS A 77 2.80 9.93 1.80
N TYR A 78 3.93 10.37 2.35
CA TYR A 78 5.03 10.83 1.53
C TYR A 78 6.16 9.81 1.69
N PRO A 79 6.52 9.12 0.58
CA PRO A 79 7.61 8.14 0.67
C PRO A 79 8.91 8.89 0.92
N ARG A 80 9.53 8.65 2.08
CA ARG A 80 10.76 9.31 2.48
C ARG A 80 11.90 9.20 1.44
N TYR A 81 11.98 8.05 0.78
CA TYR A 81 13.02 7.79 -0.21
C TYR A 81 12.83 8.49 -1.55
N GLU A 82 11.66 9.10 -1.75
CA GLU A 82 11.39 9.75 -3.03
C GLU A 82 11.79 11.23 -3.08
N CYS A 83 12.14 11.69 -4.27
CA CYS A 83 12.50 13.08 -4.47
C CYS A 83 11.22 13.91 -4.32
N ILE A 84 11.26 14.87 -3.42
CA ILE A 84 10.12 15.73 -3.16
C ILE A 84 9.60 16.36 -4.46
N SER A 85 10.51 16.66 -5.37
CA SER A 85 10.16 17.28 -6.65
C SER A 85 9.38 16.33 -7.55
N ALA A 86 9.86 15.10 -7.65
CA ALA A 86 9.20 14.09 -8.46
C ALA A 86 7.84 13.78 -7.82
N TYR A 87 7.80 13.82 -6.49
CA TYR A 87 6.57 13.54 -5.79
C TYR A 87 5.48 14.58 -6.11
N ASP A 88 5.84 15.87 -6.11
CA ASP A 88 4.90 16.94 -6.39
C ASP A 88 4.37 16.92 -7.82
N ASP A 89 5.26 16.68 -8.78
CA ASP A 89 4.86 16.61 -10.17
C ASP A 89 3.78 15.55 -10.32
N GLU A 90 4.04 14.38 -9.74
CA GLU A 90 3.08 13.29 -9.80
C GLU A 90 1.78 13.64 -9.10
N LEU A 91 1.85 14.17 -7.89
CA LEU A 91 0.63 14.54 -7.18
C LEU A 91 -0.25 15.43 -8.07
N ALA A 92 0.39 16.44 -8.65
CA ALA A 92 -0.26 17.42 -9.52
C ALA A 92 -1.04 16.76 -10.65
N PHE A 93 -0.46 15.74 -11.25
CA PHE A 93 -1.11 15.03 -12.34
C PHE A 93 -2.42 14.36 -11.90
N TYR A 94 -2.45 13.83 -10.69
CA TYR A 94 -3.62 13.13 -10.16
C TYR A 94 -4.65 14.05 -9.53
N GLY A 95 -4.42 15.36 -9.62
CA GLY A 95 -5.36 16.32 -9.05
C GLY A 95 -5.46 16.23 -7.54
N ILE A 96 -4.35 15.88 -6.90
CA ILE A 96 -4.33 15.76 -5.45
C ILE A 96 -3.40 16.84 -4.89
N LEU A 97 -3.91 17.58 -3.91
CA LEU A 97 -3.16 18.66 -3.29
C LEU A 97 -2.26 18.17 -2.16
N PRO A 98 -0.98 18.58 -2.17
CA PRO A 98 0.00 18.20 -1.15
C PRO A 98 -0.54 18.57 0.23
N GLU A 99 -1.43 19.54 0.23
CA GLU A 99 -2.04 20.01 1.46
C GLU A 99 -2.77 18.87 2.20
N ILE A 100 -3.23 17.87 1.45
CA ILE A 100 -3.94 16.75 2.07
C ILE A 100 -3.01 15.66 2.63
N ILE A 101 -1.70 15.87 2.54
CA ILE A 101 -0.75 14.90 3.08
C ILE A 101 -1.09 14.72 4.56
N GLY A 102 -1.01 13.49 5.05
CA GLY A 102 -1.32 13.21 6.44
C GLY A 102 -0.37 13.85 7.45
N ASP A 103 -0.86 14.00 8.69
CA ASP A 103 -0.05 14.59 9.75
C ASP A 103 1.14 13.69 10.09
N CYS A 104 1.03 12.43 9.70
CA CYS A 104 2.09 11.46 9.96
C CYS A 104 3.27 11.71 9.03
N CYS A 105 3.02 12.35 7.89
CA CYS A 105 4.06 12.61 6.91
C CYS A 105 4.30 14.09 6.62
N TYR A 106 3.38 14.96 7.04
CA TYR A 106 3.51 16.38 6.76
C TYR A 106 4.82 16.98 7.26
N GLU A 107 5.15 16.73 8.53
CA GLU A 107 6.39 17.24 9.08
C GLU A 107 7.53 16.90 8.13
N GLU A 108 7.62 15.61 7.75
CA GLU A 108 8.67 15.14 6.86
C GLU A 108 8.61 15.79 5.48
N TYR A 109 7.40 15.93 4.94
CA TYR A 109 7.21 16.54 3.64
C TYR A 109 7.72 17.98 3.60
N LYS A 110 7.23 18.80 4.53
CA LYS A 110 7.61 20.21 4.59
C LYS A 110 9.11 20.46 4.76
N ASP A 111 9.80 19.57 5.47
CA ASP A 111 11.23 19.72 5.66
C ASP A 111 12.00 19.51 4.37
N ARG A 112 11.63 18.45 3.65
CA ARG A 112 12.29 18.12 2.39
C ARG A 112 11.99 19.16 1.33
N LYS A 113 10.84 19.81 1.45
CA LYS A 113 10.47 20.84 0.49
C LYS A 113 11.26 22.11 0.77
N ARG A 114 11.58 22.32 2.03
CA ARG A 114 12.33 23.49 2.46
C ARG A 114 13.78 23.35 1.97
N GLU A 115 14.37 22.19 2.20
CA GLU A 115 15.74 21.94 1.79
C GLU A 115 15.84 22.01 0.27
N ASN A 116 14.72 21.80 -0.40
CA ASN A 116 14.67 21.81 -1.86
C ASN A 116 14.80 23.20 -2.48
N LEU A 117 13.98 24.13 -2.01
CA LEU A 117 14.00 25.49 -2.53
C LEU A 117 15.36 26.17 -2.39
N GLU A 118 16.11 25.80 -1.35
CA GLU A 118 17.43 26.40 -1.12
C GLU A 118 18.50 25.89 -2.10
N GLN B 11 1.36 -32.67 -0.27
CA GLN B 11 0.11 -32.08 0.30
C GLN B 11 0.25 -30.58 0.62
N ASP B 12 1.32 -29.96 0.13
CA ASP B 12 1.50 -28.55 0.40
C ASP B 12 1.06 -27.70 -0.79
N GLU B 13 0.11 -26.80 -0.53
CA GLU B 13 -0.41 -25.89 -1.55
C GLU B 13 0.46 -24.65 -1.68
N LEU B 14 0.50 -24.11 -2.88
CA LEU B 14 1.20 -22.90 -3.13
C LEU B 14 0.14 -21.90 -3.45
N ILE B 15 -0.26 -21.12 -2.44
CA ILE B 15 -1.34 -20.16 -2.65
C ILE B 15 -0.82 -18.82 -3.16
N VAL B 16 -1.70 -18.13 -3.87
CA VAL B 16 -1.42 -16.84 -4.46
C VAL B 16 -2.14 -15.72 -3.72
N LEU B 17 -1.37 -14.75 -3.26
CA LEU B 17 -1.93 -13.61 -2.54
C LEU B 17 -1.78 -12.41 -3.47
N ASN B 18 -2.87 -12.04 -4.14
CA ASN B 18 -2.84 -10.90 -5.04
C ASN B 18 -3.06 -9.65 -4.18
N VAL B 19 -2.00 -8.88 -3.96
CA VAL B 19 -2.15 -7.69 -3.15
C VAL B 19 -2.01 -6.47 -4.03
N SER B 20 -3.13 -5.77 -4.26
CA SER B 20 -3.12 -4.55 -5.06
C SER B 20 -2.57 -4.80 -6.46
N GLY B 21 -2.64 -6.05 -6.90
CA GLY B 21 -2.13 -6.38 -8.22
C GLY B 21 -0.81 -7.10 -8.13
N ARG B 22 -0.06 -6.92 -7.04
CA ARG B 22 1.21 -7.61 -6.84
C ARG B 22 0.92 -9.04 -6.39
N ARG B 23 1.43 -10.01 -7.12
CA ARG B 23 1.19 -11.39 -6.74
C ARG B 23 2.32 -11.95 -5.89
N PHE B 24 1.94 -12.50 -4.73
CA PHE B 24 2.87 -13.11 -3.79
C PHE B 24 2.46 -14.57 -3.68
N GLN B 25 3.43 -15.45 -3.54
CA GLN B 25 3.13 -16.86 -3.39
C GLN B 25 3.85 -17.40 -2.20
N THR B 26 3.16 -18.24 -1.45
CA THR B 26 3.73 -18.87 -0.27
C THR B 26 2.98 -20.17 -0.05
N TRP B 27 3.56 -21.07 0.73
CA TRP B 27 2.93 -22.34 1.03
C TRP B 27 1.82 -22.16 2.05
N ARG B 28 0.70 -22.86 1.85
CA ARG B 28 -0.41 -22.78 2.78
C ARG B 28 0.12 -23.05 4.19
N THR B 29 1.17 -23.87 4.23
CA THR B 29 1.85 -24.27 5.46
C THR B 29 2.39 -23.05 6.19
N THR B 30 3.14 -22.22 5.47
CA THR B 30 3.74 -21.03 6.03
C THR B 30 2.70 -20.14 6.69
N LEU B 31 1.55 -19.95 6.03
CA LEU B 31 0.52 -19.08 6.58
C LEU B 31 -0.12 -19.65 7.82
N GLU B 32 -0.17 -20.98 7.92
CA GLU B 32 -0.77 -21.63 9.08
C GLU B 32 0.07 -21.58 10.34
N ARG B 33 1.36 -21.29 10.21
CA ARG B 33 2.24 -21.20 11.37
C ARG B 33 1.71 -20.22 12.40
N TYR B 34 0.94 -19.23 11.94
CA TYR B 34 0.40 -18.24 12.86
C TYR B 34 -1.11 -18.07 12.69
N PRO B 35 -1.90 -18.84 13.44
CA PRO B 35 -3.36 -18.72 13.34
C PRO B 35 -3.76 -17.46 14.10
N ASP B 36 -5.04 -17.15 14.14
CA ASP B 36 -5.56 -15.97 14.83
C ASP B 36 -5.28 -14.69 14.01
N THR B 37 -4.27 -14.74 13.15
CA THR B 37 -3.96 -13.60 12.29
C THR B 37 -4.86 -13.77 11.08
N LEU B 38 -5.15 -12.69 10.36
CA LEU B 38 -6.04 -12.80 9.21
C LEU B 38 -5.58 -13.79 8.13
N LEU B 39 -4.28 -13.82 7.86
CA LEU B 39 -3.77 -14.72 6.82
C LEU B 39 -3.70 -16.20 7.20
N GLY B 40 -3.53 -16.48 8.49
CA GLY B 40 -3.44 -17.87 8.91
C GLY B 40 -4.71 -18.38 9.59
N SER B 41 -5.83 -17.72 9.36
CA SER B 41 -7.09 -18.11 9.97
C SER B 41 -8.19 -17.85 8.94
N THR B 42 -9.11 -18.80 8.82
CA THR B 42 -10.28 -18.78 7.89
C THR B 42 -10.77 -17.36 7.43
N GLU B 43 -10.53 -16.31 8.20
CA GLU B 43 -10.96 -14.96 7.82
C GLU B 43 -10.59 -14.64 6.37
N LYS B 44 -9.37 -14.97 5.98
CA LYS B 44 -8.89 -14.69 4.63
C LYS B 44 -9.78 -15.24 3.53
N GLU B 45 -10.66 -16.17 3.86
CA GLU B 45 -11.57 -16.74 2.86
C GLU B 45 -12.54 -15.66 2.39
N PHE B 46 -12.66 -14.61 3.17
CA PHE B 46 -13.54 -13.49 2.84
C PHE B 46 -13.04 -12.75 1.59
N PHE B 47 -11.75 -12.89 1.28
CA PHE B 47 -11.16 -12.23 0.12
C PHE B 47 -10.71 -13.29 -0.86
N PHE B 48 -11.63 -13.87 -1.60
CA PHE B 48 -11.23 -14.92 -2.53
C PHE B 48 -12.11 -14.98 -3.78
N ASN B 49 -11.51 -14.87 -4.95
CA ASN B 49 -12.27 -14.97 -6.21
C ASN B 49 -12.02 -16.36 -6.72
N GLU B 50 -13.03 -17.22 -6.68
CA GLU B 50 -12.88 -18.61 -7.12
C GLU B 50 -12.58 -18.76 -8.60
N ASP B 51 -12.93 -17.73 -9.37
CA ASP B 51 -12.69 -17.74 -10.81
C ASP B 51 -11.36 -17.06 -11.15
N THR B 52 -10.38 -17.26 -10.28
CA THR B 52 -9.03 -16.71 -10.43
C THR B 52 -8.15 -17.58 -9.55
N LYS B 53 -8.78 -18.26 -8.59
CA LYS B 53 -8.10 -19.14 -7.65
C LYS B 53 -7.03 -18.38 -6.86
N GLU B 54 -7.41 -17.20 -6.37
CA GLU B 54 -6.49 -16.39 -5.58
C GLU B 54 -7.19 -15.33 -4.74
N TYR B 55 -6.59 -15.04 -3.59
CA TYR B 55 -7.13 -14.05 -2.69
C TYR B 55 -6.68 -12.66 -3.16
N PHE B 56 -7.59 -11.70 -3.08
CA PHE B 56 -7.23 -10.35 -3.48
C PHE B 56 -7.34 -9.40 -2.30
N PHE B 57 -6.30 -8.61 -2.11
CA PHE B 57 -6.26 -7.62 -1.04
C PHE B 57 -6.05 -6.25 -1.63
N ASP B 58 -7.03 -5.39 -1.45
CA ASP B 58 -6.95 -4.03 -1.94
C ASP B 58 -6.19 -3.23 -0.89
N ARG B 59 -4.95 -3.66 -0.61
CA ARG B 59 -4.07 -3.02 0.37
C ARG B 59 -2.73 -2.67 -0.25
N ASP B 60 -1.86 -2.04 0.55
CA ASP B 60 -0.54 -1.66 0.06
C ASP B 60 0.36 -2.87 -0.19
N PRO B 61 0.87 -2.99 -1.41
CA PRO B 61 1.75 -4.13 -1.73
C PRO B 61 3.14 -4.07 -1.10
N GLU B 62 3.61 -2.86 -0.79
CA GLU B 62 4.93 -2.68 -0.22
C GLU B 62 5.07 -3.19 1.20
N VAL B 63 4.12 -2.82 2.05
CA VAL B 63 4.16 -3.25 3.45
C VAL B 63 3.88 -4.75 3.58
N PHE B 64 3.07 -5.29 2.67
CA PHE B 64 2.73 -6.70 2.70
C PHE B 64 3.98 -7.60 2.67
N ARG B 65 5.05 -7.13 2.05
CA ARG B 65 6.28 -7.91 1.99
C ARG B 65 6.81 -8.21 3.40
N CYS B 66 6.71 -7.23 4.32
CA CYS B 66 7.16 -7.42 5.71
C CYS B 66 6.23 -8.37 6.42
N VAL B 67 4.94 -8.27 6.10
CA VAL B 67 3.96 -9.13 6.71
C VAL B 67 4.26 -10.57 6.32
N LEU B 68 4.43 -10.79 5.03
CA LEU B 68 4.70 -12.12 4.52
C LEU B 68 6.03 -12.68 5.02
N ASN B 69 7.05 -11.83 5.10
CA ASN B 69 8.34 -12.27 5.58
C ASN B 69 8.24 -12.68 7.04
N PHE B 70 7.22 -12.17 7.72
CA PHE B 70 6.99 -12.51 9.12
C PHE B 70 6.61 -13.99 9.26
N TYR B 71 5.60 -14.42 8.50
CA TYR B 71 5.18 -15.82 8.56
C TYR B 71 6.31 -16.79 8.25
N ARG B 72 7.15 -16.46 7.28
CA ARG B 72 8.22 -17.36 6.93
C ARG B 72 9.45 -17.32 7.84
N THR B 73 9.60 -16.29 8.66
CA THR B 73 10.77 -16.22 9.54
C THR B 73 10.45 -16.06 11.01
N GLY B 74 9.20 -15.70 11.31
CA GLY B 74 8.81 -15.52 12.70
C GLY B 74 9.18 -14.13 13.19
N LYS B 75 10.12 -13.49 12.52
CA LYS B 75 10.54 -12.14 12.90
C LYS B 75 9.81 -11.09 12.06
N LEU B 76 9.32 -10.05 12.73
CA LEU B 76 8.64 -8.96 12.04
C LEU B 76 9.61 -7.79 12.03
N HIS B 77 9.98 -7.34 10.84
CA HIS B 77 10.90 -6.20 10.69
C HIS B 77 10.15 -4.92 10.38
N TYR B 78 10.85 -3.81 10.55
CA TYR B 78 10.28 -2.52 10.25
C TYR B 78 11.18 -1.85 9.20
N PRO B 79 10.69 -1.71 7.96
CA PRO B 79 11.46 -1.08 6.88
C PRO B 79 11.49 0.43 7.12
N ARG B 80 12.67 0.95 7.46
CA ARG B 80 12.76 2.38 7.85
C ARG B 80 12.42 3.40 6.71
N TYR B 81 12.04 2.95 5.53
CA TYR B 81 11.63 3.87 4.48
C TYR B 81 10.11 4.04 4.52
N GLU B 82 9.46 3.29 5.41
CA GLU B 82 8.00 3.33 5.51
C GLU B 82 7.48 4.21 6.63
N CYS B 83 6.35 4.88 6.39
CA CYS B 83 5.73 5.73 7.38
C CYS B 83 5.16 4.83 8.46
N ILE B 84 5.45 5.18 9.71
CA ILE B 84 5.01 4.41 10.85
C ILE B 84 3.48 4.21 10.86
N SER B 85 2.73 5.19 10.36
CA SER B 85 1.26 5.05 10.34
C SER B 85 0.80 4.04 9.31
N ALA B 86 1.38 4.13 8.11
CA ALA B 86 1.04 3.19 7.04
C ALA B 86 1.29 1.79 7.54
N TYR B 87 2.47 1.62 8.14
CA TYR B 87 2.92 0.35 8.69
C TYR B 87 1.92 -0.19 9.73
N ASP B 88 1.61 0.61 10.76
CA ASP B 88 0.66 0.20 11.79
C ASP B 88 -0.71 -0.11 11.19
N ASP B 89 -1.14 0.70 10.23
CA ASP B 89 -2.44 0.49 9.60
C ASP B 89 -2.52 -0.93 9.02
N GLU B 90 -1.48 -1.31 8.28
CA GLU B 90 -1.47 -2.64 7.69
C GLU B 90 -1.37 -3.74 8.75
N LEU B 91 -0.50 -3.55 9.75
CA LEU B 91 -0.37 -4.56 10.79
C LEU B 91 -1.72 -4.80 11.44
N ALA B 92 -2.45 -3.72 11.67
CA ALA B 92 -3.77 -3.81 12.28
C ALA B 92 -4.68 -4.68 11.40
N PHE B 93 -4.75 -4.34 10.11
CA PHE B 93 -5.57 -5.07 9.16
C PHE B 93 -5.24 -6.56 9.13
N TYR B 94 -3.95 -6.88 9.18
CA TYR B 94 -3.53 -8.27 9.13
C TYR B 94 -3.58 -8.96 10.47
N GLY B 95 -3.97 -8.20 11.50
CA GLY B 95 -4.08 -8.75 12.83
C GLY B 95 -2.74 -9.14 13.44
N ILE B 96 -1.68 -8.44 13.06
CA ILE B 96 -0.36 -8.71 13.60
C ILE B 96 -0.07 -7.64 14.62
N LEU B 97 0.38 -8.06 15.81
CA LEU B 97 0.68 -7.14 16.89
C LEU B 97 2.12 -6.65 16.82
N PRO B 98 2.32 -5.33 16.77
CA PRO B 98 3.65 -4.71 16.70
C PRO B 98 4.60 -5.03 17.84
N GLU B 99 4.16 -5.86 18.78
CA GLU B 99 5.01 -6.26 19.90
C GLU B 99 5.82 -7.45 19.43
N ILE B 100 5.49 -7.91 18.22
CA ILE B 100 6.15 -9.03 17.59
C ILE B 100 7.39 -8.55 16.87
N ILE B 101 7.57 -7.24 16.80
CA ILE B 101 8.72 -6.67 16.11
C ILE B 101 10.05 -7.13 16.69
N GLY B 102 10.84 -7.80 15.85
CA GLY B 102 12.13 -8.29 16.28
C GLY B 102 12.97 -7.25 17.01
N ASP B 103 13.82 -7.72 17.91
CA ASP B 103 14.70 -6.87 18.69
C ASP B 103 15.62 -6.08 17.75
N CYS B 104 15.81 -6.61 16.55
CA CYS B 104 16.65 -6.00 15.52
C CYS B 104 16.03 -4.73 14.98
N CYS B 105 14.70 -4.68 14.99
CA CYS B 105 13.99 -3.52 14.45
C CYS B 105 13.25 -2.70 15.49
N TYR B 106 13.07 -3.23 16.69
CA TYR B 106 12.34 -2.52 17.72
C TYR B 106 12.82 -1.10 18.01
N GLU B 107 14.12 -0.94 18.26
CA GLU B 107 14.66 0.38 18.54
C GLU B 107 14.21 1.42 17.51
N GLU B 108 14.34 1.10 16.23
CA GLU B 108 13.92 2.02 15.16
C GLU B 108 12.42 2.24 15.15
N TYR B 109 11.65 1.18 15.35
CA TYR B 109 10.21 1.30 15.37
C TYR B 109 9.82 2.24 16.51
N LYS B 110 10.48 2.07 17.66
CA LYS B 110 10.26 2.85 18.87
C LYS B 110 10.46 4.36 18.66
N ASP B 111 11.55 4.71 17.99
CA ASP B 111 11.83 6.12 17.71
C ASP B 111 10.83 6.71 16.74
N ARG B 112 10.53 5.97 15.67
CA ARG B 112 9.61 6.46 14.67
C ARG B 112 8.20 6.61 15.24
N LYS B 113 7.82 5.68 16.11
CA LYS B 113 6.51 5.72 16.76
C LYS B 113 6.44 6.91 17.71
N ARG B 114 7.50 7.11 18.49
CA ARG B 114 7.55 8.22 19.43
C ARG B 114 7.51 9.55 18.70
N GLU B 115 8.31 9.68 17.65
CA GLU B 115 8.37 10.91 16.86
C GLU B 115 6.96 11.24 16.31
N ASN B 116 6.26 10.19 15.92
CA ASN B 116 4.91 10.32 15.38
C ASN B 116 3.96 10.80 16.46
N LEU B 117 4.10 10.24 17.66
CA LEU B 117 3.26 10.60 18.80
C LEU B 117 3.38 12.05 19.24
N GLU B 118 4.53 12.65 19.00
CA GLU B 118 4.75 14.04 19.39
C GLU B 118 4.33 15.02 18.29
N HIS B 119 3.67 14.53 17.25
CA HIS B 119 3.22 15.41 16.16
C HIS B 119 1.96 16.17 16.54
N HIS B 120 1.46 16.94 15.56
CA HIS B 120 0.25 17.75 15.68
C HIS B 120 -0.22 18.09 14.26
#